data_3SNA
#
_entry.id   3SNA
#
_cell.length_a   107.870
_cell.length_b   82.090
_cell.length_c   53.080
_cell.angle_alpha   90.00
_cell.angle_beta   104.30
_cell.angle_gamma   90.00
#
_symmetry.space_group_name_H-M   'C 1 2 1'
#
loop_
_entity.id
_entity.type
_entity.pdbx_description
1 polymer '3C-like proteinase'
2 polymer 'Peptide aldehyde inhibitor Ac-NSFSQ-H'
3 water water
#
loop_
_entity_poly.entity_id
_entity_poly.type
_entity_poly.pdbx_seq_one_letter_code
_entity_poly.pdbx_strand_id
1 'polypeptide(L)'
;SGFRKMAFPSGKVEGCMVQVTCGTTTLNGLWLDDTVYCPRHVICTAEDMLNPNYEDLLIRKSNHSFLVQAGNVQLRVIGH
SMQNCLLRLKVDTSNPKTPKYKFVRIQPGQTFSVLACYNGSPSGVYQCAMRPNHTIKGSFLNGSCGSVGFNIDYDCVSFC
YMHHMELPTGVHAGTDLEGKFYGPFVDRQTAQAAGTDTTITLNVLAWLYAAVINGDRWFLNRFTTTLNDFNLVAMKYNYE
PLTQDHVDILGPLSAQTGIAVLDMCAALKELLQNGMNGRTILGSTILEDEFTPFDVVRQCS
;
A
2 'polypeptide(L)' (ACE)NSFS(ECC) H
#
# COMPACT_ATOMS: atom_id res chain seq x y z
N SER A 1 8.86 -14.63 -21.00
CA SER A 1 9.55 -13.86 -19.91
C SER A 1 9.07 -12.41 -19.79
N GLY A 2 10.01 -11.50 -19.49
CA GLY A 2 9.71 -10.10 -19.15
C GLY A 2 9.32 -9.92 -17.69
N PHE A 3 9.39 -8.70 -17.20
CA PHE A 3 9.14 -8.48 -15.78
C PHE A 3 8.69 -7.06 -15.56
N ARG A 4 7.39 -6.87 -15.33
CA ARG A 4 6.81 -5.56 -15.05
C ARG A 4 6.10 -5.49 -13.71
N LYS A 5 6.12 -4.33 -13.04
CA LYS A 5 5.29 -4.13 -11.83
C LYS A 5 3.80 -4.43 -12.10
N MET A 6 3.27 -5.47 -11.46
CA MET A 6 1.92 -5.87 -11.84
C MET A 6 0.86 -5.71 -10.76
N ALA A 7 -0.31 -5.21 -11.12
CA ALA A 7 -1.39 -5.05 -10.15
C ALA A 7 -2.51 -6.08 -10.33
N PHE A 8 -3.01 -6.63 -9.22
CA PHE A 8 -4.13 -7.58 -9.27
C PHE A 8 -5.29 -7.05 -10.09
N PRO A 9 -5.99 -7.93 -10.80
CA PRO A 9 -7.09 -7.39 -11.57
C PRO A 9 -8.19 -6.76 -10.70
N SER A 10 -8.51 -5.49 -10.98
CA SER A 10 -9.34 -4.64 -10.10
C SER A 10 -10.84 -4.91 -10.14
N GLY A 11 -11.22 -5.99 -10.83
CA GLY A 11 -12.64 -6.22 -11.15
C GLY A 11 -13.51 -6.34 -9.92
N LYS A 12 -13.22 -7.34 -9.09
CA LYS A 12 -14.00 -7.60 -7.91
C LYS A 12 -14.19 -6.35 -7.00
N VAL A 13 -13.16 -5.49 -6.90
CA VAL A 13 -13.25 -4.24 -6.12
C VAL A 13 -14.05 -3.10 -6.79
N GLU A 14 -13.91 -2.96 -8.11
CA GLU A 14 -14.65 -1.96 -8.87
C GLU A 14 -16.10 -1.90 -8.38
N GLY A 15 -16.73 -3.07 -8.29
CA GLY A 15 -18.11 -3.20 -7.84
C GLY A 15 -18.37 -2.97 -6.35
N CYS A 16 -17.37 -2.46 -5.62
CA CYS A 16 -17.57 -2.06 -4.21
C CYS A 16 -17.37 -0.57 -4.00
N MET A 17 -17.08 0.16 -5.07
CA MET A 17 -16.85 1.57 -4.92
C MET A 17 -18.14 2.32 -4.99
N VAL A 18 -18.32 3.20 -4.01
CA VAL A 18 -19.42 4.16 -4.00
C VAL A 18 -18.89 5.57 -3.65
N GLN A 19 -19.75 6.58 -3.83
CA GLN A 19 -19.43 7.98 -3.57
C GLN A 19 -20.10 8.41 -2.29
N VAL A 20 -19.39 9.18 -1.48
CA VAL A 20 -20.01 9.72 -0.28
C VAL A 20 -19.84 11.23 -0.16
N THR A 21 -20.91 11.88 0.28
CA THR A 21 -20.93 13.34 0.43
C THR A 21 -21.54 13.72 1.78
N CYS A 22 -20.97 14.73 2.42
CA CYS A 22 -21.47 15.25 3.68
C CYS A 22 -21.11 16.71 3.66
N GLY A 23 -22.07 17.51 3.24
CA GLY A 23 -21.86 18.96 3.12
C GLY A 23 -21.00 19.32 1.92
N THR A 24 -19.94 20.07 2.15
CA THR A 24 -19.12 20.57 1.05
C THR A 24 -17.93 19.63 0.77
N THR A 25 -18.08 18.38 1.20
CA THR A 25 -17.04 17.36 1.07
C THR A 25 -17.58 16.12 0.34
N THR A 26 -16.89 15.73 -0.72
CA THR A 26 -17.17 14.46 -1.40
C THR A 26 -15.91 13.60 -1.52
N LEU A 27 -16.02 12.36 -1.04
CA LEU A 27 -14.98 11.37 -1.17
C LEU A 27 -15.56 9.95 -1.38
N ASN A 28 -14.71 9.02 -1.80
CA ASN A 28 -15.13 7.64 -2.15
C ASN A 28 -15.31 6.81 -0.91
N GLY A 29 -16.01 5.68 -1.06
CA GLY A 29 -16.24 4.77 0.05
C GLY A 29 -16.45 3.35 -0.41
N LEU A 30 -16.24 2.41 0.49
CA LEU A 30 -16.16 1.00 0.12
C LEU A 30 -17.37 0.24 0.68
N TRP A 31 -18.12 -0.45 -0.18
CA TRP A 31 -19.43 -1.05 0.20
C TRP A 31 -19.48 -2.59 0.23
N LEU A 32 -19.33 -3.10 1.45
CA LEU A 32 -19.31 -4.53 1.77
C LEU A 32 -20.53 -4.97 2.65
N ASP A 33 -21.14 -6.09 2.24
CA ASP A 33 -22.52 -6.46 2.63
C ASP A 33 -23.35 -5.17 2.75
N ASP A 34 -24.08 -5.02 3.86
CA ASP A 34 -24.91 -3.82 4.11
C ASP A 34 -24.12 -2.69 4.75
N THR A 35 -22.81 -2.62 4.51
CA THR A 35 -21.93 -1.64 5.18
C THR A 35 -21.21 -0.75 4.17
N VAL A 36 -20.84 0.46 4.56
CA VAL A 36 -20.01 1.31 3.71
C VAL A 36 -18.92 1.94 4.53
N TYR A 37 -17.66 1.73 4.17
CA TYR A 37 -16.59 2.25 4.98
C TYR A 37 -16.02 3.47 4.30
N CYS A 38 -15.62 4.46 5.09
CA CYS A 38 -14.84 5.55 4.56
C CYS A 38 -14.11 6.34 5.67
N PRO A 39 -13.17 7.22 5.28
CA PRO A 39 -12.46 8.09 6.23
C PRO A 39 -13.38 9.04 6.94
N ARG A 40 -13.48 8.91 8.26
CA ARG A 40 -14.23 9.88 9.08
C ARG A 40 -14.04 11.34 8.62
N HIS A 41 -12.84 11.69 8.15
CA HIS A 41 -12.52 13.08 7.77
C HIS A 41 -13.47 13.72 6.73
N VAL A 42 -14.52 12.98 6.36
CA VAL A 42 -15.50 13.48 5.41
C VAL A 42 -16.30 14.58 6.07
N ILE A 43 -16.62 14.37 7.35
CA ILE A 43 -17.60 15.19 8.05
C ILE A 43 -17.04 16.52 8.55
N CYS A 44 -15.79 16.81 8.26
CA CYS A 44 -15.20 18.10 8.59
C CYS A 44 -15.30 19.06 7.43
N THR A 45 -15.30 20.35 7.73
CA THR A 45 -14.96 21.41 6.76
C THR A 45 -13.57 21.97 7.10
N ALA A 46 -13.05 22.86 6.25
CA ALA A 46 -11.66 23.33 6.35
C ALA A 46 -11.38 24.53 7.31
N GLU A 47 -12.06 24.53 8.47
CA GLU A 47 -11.55 25.16 9.71
C GLU A 47 -11.55 24.09 10.83
N ASP A 48 -12.40 23.07 10.65
CA ASP A 48 -12.44 21.88 11.52
C ASP A 48 -11.08 21.19 11.51
N MET A 49 -10.32 21.38 10.47
CA MET A 49 -9.06 20.68 10.40
C MET A 49 -8.26 20.98 11.63
N LEU A 50 -7.54 22.10 11.61
CA LEU A 50 -6.74 22.49 12.75
C LEU A 50 -6.97 21.57 13.93
N ASN A 51 -8.19 21.59 14.46
CA ASN A 51 -8.46 20.80 15.63
C ASN A 51 -9.88 20.37 15.63
N PRO A 52 -10.11 19.19 15.08
CA PRO A 52 -11.43 18.59 15.12
C PRO A 52 -11.53 17.62 16.29
N ASN A 53 -12.68 17.58 16.97
CA ASN A 53 -12.98 16.41 17.77
C ASN A 53 -14.01 15.61 17.00
N TYR A 54 -13.68 14.36 16.72
CA TYR A 54 -14.52 13.59 15.84
C TYR A 54 -15.74 13.09 16.55
N GLU A 55 -15.54 12.57 17.77
CA GLU A 55 -16.67 12.09 18.55
C GLU A 55 -17.70 13.22 18.66
N ASP A 56 -17.20 14.45 18.75
CA ASP A 56 -18.03 15.65 18.89
C ASP A 56 -18.74 16.01 17.60
N LEU A 57 -17.97 16.21 16.53
CA LEU A 57 -18.55 16.52 15.23
C LEU A 57 -19.55 15.50 14.72
N LEU A 58 -19.42 14.26 15.17
CA LEU A 58 -20.24 13.15 14.68
C LEU A 58 -21.55 12.99 15.42
N ILE A 59 -21.53 13.36 16.69
CA ILE A 59 -22.75 13.32 17.48
C ILE A 59 -23.80 14.33 16.99
N ARG A 60 -23.39 15.35 16.21
CA ARG A 60 -24.36 16.29 15.57
C ARG A 60 -24.67 16.02 14.09
N LYS A 61 -24.54 14.77 13.68
CA LYS A 61 -24.72 14.35 12.30
C LYS A 61 -25.89 13.37 12.15
N SER A 62 -26.80 13.65 11.21
CA SER A 62 -27.80 12.65 10.89
C SER A 62 -27.45 11.89 9.61
N ASN A 63 -28.09 10.74 9.46
CA ASN A 63 -28.05 9.99 8.22
C ASN A 63 -28.70 10.79 7.11
N HIS A 64 -29.56 11.74 7.48
CA HIS A 64 -30.01 12.81 6.59
C HIS A 64 -28.75 13.42 5.93
N SER A 65 -27.69 13.64 6.71
CA SER A 65 -26.48 14.39 6.26
C SER A 65 -25.70 13.65 5.20
N PHE A 66 -25.77 12.31 5.23
CA PHE A 66 -24.94 11.42 4.40
C PHE A 66 -25.51 10.98 3.03
N LEU A 67 -25.04 11.59 1.94
CA LEU A 67 -25.51 11.22 0.60
C LEU A 67 -24.62 10.16 -0.06
N VAL A 68 -25.18 8.97 -0.21
CA VAL A 68 -24.45 7.83 -0.75
C VAL A 68 -24.92 7.49 -2.17
N GLN A 69 -24.07 7.72 -3.18
CA GLN A 69 -24.39 7.35 -4.57
C GLN A 69 -23.66 6.11 -5.09
N ALA A 70 -24.42 5.13 -5.58
CA ALA A 70 -23.89 3.97 -6.29
C ALA A 70 -24.27 4.08 -7.76
N GLY A 71 -23.48 4.83 -8.52
CA GLY A 71 -23.83 5.21 -9.88
C GLY A 71 -24.88 6.29 -9.80
N ASN A 72 -25.90 6.20 -10.66
CA ASN A 72 -27.00 7.15 -10.65
C ASN A 72 -27.79 7.02 -9.35
N VAL A 73 -27.99 5.76 -8.96
CA VAL A 73 -28.78 5.38 -7.79
C VAL A 73 -28.23 6.01 -6.50
N GLN A 74 -28.93 5.81 -5.38
CA GLN A 74 -28.56 6.39 -4.09
C GLN A 74 -28.90 5.44 -2.94
N LEU A 75 -28.16 5.49 -1.85
CA LEU A 75 -28.45 4.59 -0.74
C LEU A 75 -28.77 5.33 0.56
N ARG A 76 -29.78 4.81 1.26
CA ARG A 76 -30.19 5.37 2.55
C ARG A 76 -29.19 4.88 3.59
N VAL A 77 -28.87 5.77 4.53
CA VAL A 77 -28.13 5.38 5.73
C VAL A 77 -29.11 5.04 6.85
N ILE A 78 -28.78 4.03 7.65
CA ILE A 78 -29.64 3.56 8.73
C ILE A 78 -28.95 3.69 10.08
N GLY A 79 -27.96 2.83 10.31
CA GLY A 79 -27.04 2.99 11.42
C GLY A 79 -25.87 3.83 10.95
N HIS A 80 -24.87 3.97 11.83
CA HIS A 80 -23.59 4.64 11.55
C HIS A 80 -22.81 4.69 12.86
N SER A 81 -21.66 4.02 12.92
CA SER A 81 -20.80 4.11 14.09
C SER A 81 -19.44 4.57 13.63
N MET A 82 -18.44 4.50 14.49
CA MET A 82 -17.10 4.91 14.09
C MET A 82 -16.03 3.96 14.65
N GLN A 83 -15.09 3.56 13.78
CA GLN A 83 -13.94 2.73 14.15
C GLN A 83 -12.68 3.52 13.95
N ASN A 84 -12.05 3.89 15.05
CA ASN A 84 -10.86 4.72 14.94
C ASN A 84 -11.09 5.72 13.83
N CYS A 85 -10.38 5.59 12.71
CA CYS A 85 -10.48 6.66 11.72
C CYS A 85 -11.51 6.48 10.61
N LEU A 86 -12.42 5.54 10.82
CA LEU A 86 -13.35 5.25 9.78
C LEU A 86 -14.75 5.26 10.27
N LEU A 87 -15.67 5.70 9.42
CA LEU A 87 -17.10 5.52 9.70
C LEU A 87 -17.57 4.21 9.10
N ARG A 88 -18.27 3.42 9.90
CA ARG A 88 -19.01 2.27 9.42
C ARG A 88 -20.47 2.72 9.28
N LEU A 89 -20.97 2.74 8.04
CA LEU A 89 -22.31 3.24 7.76
C LEU A 89 -23.23 2.11 7.32
N LYS A 90 -24.19 1.75 8.16
CA LYS A 90 -25.19 0.78 7.74
C LYS A 90 -26.08 1.40 6.67
N VAL A 91 -26.48 0.57 5.71
CA VAL A 91 -27.29 1.00 4.58
C VAL A 91 -28.41 0.00 4.31
N ASP A 92 -29.43 0.43 3.55
CA ASP A 92 -30.61 -0.41 3.27
C ASP A 92 -30.36 -1.66 2.39
N THR A 93 -29.18 -1.78 1.81
CA THR A 93 -28.88 -2.89 0.90
C THR A 93 -27.50 -3.54 1.10
N SER A 94 -27.45 -4.86 1.05
CA SER A 94 -26.19 -5.55 0.93
C SER A 94 -25.79 -5.48 -0.55
N ASN A 95 -24.49 -5.34 -0.84
CA ASN A 95 -24.06 -5.21 -2.24
C ASN A 95 -24.20 -6.51 -3.00
N PRO A 96 -24.99 -6.48 -4.10
CA PRO A 96 -25.15 -7.64 -4.98
C PRO A 96 -23.82 -8.33 -5.25
N LYS A 97 -22.78 -7.50 -5.39
CA LYS A 97 -21.50 -7.92 -5.96
C LYS A 97 -20.40 -8.11 -4.93
N THR A 98 -20.77 -8.01 -3.66
CA THR A 98 -19.86 -8.33 -2.55
C THR A 98 -19.22 -9.72 -2.75
N PRO A 99 -17.88 -9.79 -2.84
CA PRO A 99 -17.12 -11.05 -3.01
C PRO A 99 -16.65 -11.67 -1.70
N LYS A 100 -16.04 -12.85 -1.76
CA LYS A 100 -15.35 -13.37 -0.60
C LYS A 100 -14.29 -12.33 -0.32
N TYR A 101 -13.83 -12.24 0.93
CA TYR A 101 -12.83 -11.23 1.32
C TYR A 101 -12.46 -11.23 2.81
N LYS A 102 -11.32 -10.64 3.18
CA LYS A 102 -10.94 -10.44 4.58
C LYS A 102 -10.34 -9.06 4.82
N PHE A 103 -9.98 -8.76 6.07
CA PHE A 103 -9.32 -7.49 6.41
C PHE A 103 -7.97 -7.78 7.09
N VAL A 104 -6.87 -7.70 6.34
CA VAL A 104 -5.54 -7.98 6.93
C VAL A 104 -4.73 -6.71 7.10
N ARG A 105 -3.90 -6.68 8.12
CA ARG A 105 -3.02 -5.54 8.25
C ARG A 105 -1.70 -5.91 7.57
N ILE A 106 -1.42 -5.33 6.41
CA ILE A 106 -0.10 -5.62 5.85
C ILE A 106 1.02 -4.95 6.63
N GLN A 107 2.20 -5.50 6.44
CA GLN A 107 3.40 -5.14 7.17
C GLN A 107 4.38 -4.43 6.21
N PRO A 108 5.21 -3.52 6.75
CA PRO A 108 6.12 -2.81 5.89
C PRO A 108 7.01 -3.78 5.11
N GLY A 109 7.04 -3.63 3.79
CA GLY A 109 7.70 -4.60 2.96
C GLY A 109 6.71 -5.25 2.03
N GLN A 110 5.49 -5.59 2.49
CA GLN A 110 4.58 -6.31 1.60
C GLN A 110 4.01 -5.33 0.63
N THR A 111 3.57 -5.78 -0.54
CA THR A 111 3.02 -4.86 -1.54
C THR A 111 1.53 -5.09 -1.80
N PHE A 112 0.89 -4.14 -2.48
CA PHE A 112 -0.53 -4.27 -2.80
C PHE A 112 -0.91 -3.39 -3.97
N SER A 113 -2.04 -3.71 -4.57
CA SER A 113 -2.61 -2.93 -5.68
C SER A 113 -3.44 -1.80 -5.16
N VAL A 114 -3.50 -0.70 -5.91
CA VAL A 114 -4.34 0.45 -5.52
C VAL A 114 -5.24 0.82 -6.66
N LEU A 115 -6.54 0.91 -6.35
CA LEU A 115 -7.58 1.34 -7.28
C LEU A 115 -7.96 2.77 -6.93
N ALA A 116 -7.54 3.72 -7.78
CA ALA A 116 -7.70 5.14 -7.50
C ALA A 116 -9.00 5.72 -8.08
N CYS A 117 -9.85 6.24 -7.21
CA CYS A 117 -11.15 6.72 -7.60
C CYS A 117 -11.36 8.18 -7.29
N TYR A 118 -12.36 8.73 -7.95
CA TYR A 118 -12.82 10.08 -7.75
C TYR A 118 -14.33 10.05 -7.93
N ASN A 119 -15.05 10.67 -6.99
CA ASN A 119 -16.53 10.75 -7.02
C ASN A 119 -17.23 9.40 -7.04
N GLY A 120 -16.67 8.43 -6.32
CA GLY A 120 -17.29 7.10 -6.27
C GLY A 120 -17.21 6.28 -7.55
N SER A 121 -16.27 6.61 -8.43
CA SER A 121 -15.98 5.76 -9.58
C SER A 121 -14.48 5.67 -9.83
N PRO A 122 -14.02 4.51 -10.32
CA PRO A 122 -12.59 4.32 -10.41
C PRO A 122 -12.05 4.85 -11.71
N SER A 123 -10.80 5.27 -11.70
CA SER A 123 -10.16 5.80 -12.88
C SER A 123 -8.79 5.18 -13.15
N GLY A 124 -8.22 4.44 -12.18
CA GLY A 124 -6.88 3.89 -12.37
C GLY A 124 -6.37 2.92 -11.32
N VAL A 125 -5.50 2.01 -11.74
CA VAL A 125 -5.02 0.99 -10.84
C VAL A 125 -3.50 0.82 -11.00
N TYR A 126 -2.82 0.75 -9.87
CA TYR A 126 -1.38 0.68 -9.83
C TYR A 126 -0.92 -0.04 -8.60
N GLN A 127 0.28 -0.64 -8.72
CA GLN A 127 0.90 -1.50 -7.72
C GLN A 127 1.91 -0.66 -6.96
N CYS A 128 1.99 -0.81 -5.66
CA CYS A 128 3.02 -0.08 -4.89
C CYS A 128 3.37 -0.81 -3.60
N ALA A 129 4.28 -0.27 -2.78
CA ALA A 129 4.65 -1.02 -1.57
C ALA A 129 4.39 -0.26 -0.31
N MET A 130 4.16 -1.00 0.77
CA MET A 130 3.99 -0.35 2.04
C MET A 130 5.38 -0.02 2.64
N ARG A 131 5.89 1.17 2.32
CA ARG A 131 7.18 1.68 2.80
C ARG A 131 7.49 1.38 4.26
N PRO A 132 8.79 1.24 4.58
CA PRO A 132 9.29 1.03 5.92
C PRO A 132 9.01 2.22 6.83
N ASN A 133 8.95 3.43 6.27
CA ASN A 133 8.59 4.59 7.09
C ASN A 133 7.08 4.76 7.17
N HIS A 134 6.35 3.78 6.64
CA HIS A 134 4.89 3.63 6.86
C HIS A 134 3.93 4.36 5.92
N THR A 135 4.48 5.18 5.03
CA THR A 135 3.66 5.87 4.05
C THR A 135 3.70 5.06 2.77
N ILE A 136 3.36 5.69 1.66
CA ILE A 136 3.42 5.03 0.37
C ILE A 136 3.58 6.07 -0.74
N LYS A 137 4.01 5.64 -1.92
CA LYS A 137 4.21 6.58 -3.05
C LYS A 137 3.08 6.39 -4.03
N GLY A 138 2.02 7.15 -3.92
CA GLY A 138 0.91 6.94 -4.79
C GLY A 138 0.79 8.11 -5.69
N SER A 139 -0.19 8.04 -6.57
CA SER A 139 -0.57 9.13 -7.39
C SER A 139 -1.94 9.41 -6.85
N PHE A 140 -2.12 10.54 -6.19
CA PHE A 140 -3.39 10.84 -5.59
C PHE A 140 -3.70 12.32 -5.69
N LEU A 141 -4.79 12.65 -6.35
CA LEU A 141 -5.29 14.03 -6.47
C LEU A 141 -6.43 14.25 -5.49
N ASN A 142 -6.80 15.51 -5.22
CA ASN A 142 -7.94 15.80 -4.31
C ASN A 142 -9.17 15.02 -4.75
N GLY A 143 -9.90 14.49 -3.79
CA GLY A 143 -11.02 13.60 -4.09
C GLY A 143 -10.59 12.15 -4.19
N SER A 144 -9.28 11.91 -4.09
CA SER A 144 -8.76 10.53 -4.10
C SER A 144 -9.11 9.73 -2.83
N CYS A 145 -9.31 10.45 -1.73
CA CYS A 145 -9.63 9.84 -0.44
C CYS A 145 -10.81 8.88 -0.55
N GLY A 146 -10.73 7.79 0.22
CA GLY A 146 -11.61 6.63 0.03
C GLY A 146 -11.03 5.52 -0.84
N SER A 147 -10.15 5.85 -1.80
CA SER A 147 -9.48 4.83 -2.60
C SER A 147 -8.83 3.73 -1.76
N VAL A 148 -9.02 2.46 -2.16
CA VAL A 148 -8.50 1.32 -1.40
C VAL A 148 -7.26 0.57 -1.95
N GLY A 149 -6.54 -0.06 -1.02
CA GLY A 149 -5.42 -0.99 -1.34
C GLY A 149 -5.82 -2.42 -1.03
N PHE A 150 -5.20 -3.40 -1.72
CA PHE A 150 -5.67 -4.80 -1.58
C PHE A 150 -4.85 -5.84 -2.34
N ASN A 151 -4.91 -7.09 -1.88
CA ASN A 151 -4.38 -8.21 -2.65
C ASN A 151 -5.47 -9.20 -3.02
N ILE A 152 -5.15 -10.18 -3.85
CA ILE A 152 -6.01 -11.33 -4.07
C ILE A 152 -5.25 -12.63 -3.74
N ASP A 153 -5.93 -13.53 -3.02
CA ASP A 153 -5.41 -14.88 -2.71
C ASP A 153 -6.45 -15.96 -3.16
N TYR A 154 -6.23 -16.52 -4.35
CA TYR A 154 -7.20 -17.38 -5.07
C TYR A 154 -8.43 -16.59 -5.49
N ASP A 155 -9.33 -16.37 -4.53
CA ASP A 155 -10.63 -15.81 -4.83
C ASP A 155 -11.10 -14.76 -3.82
N CYS A 156 -10.46 -14.80 -2.67
CA CYS A 156 -10.74 -13.91 -1.56
C CYS A 156 -9.91 -12.62 -1.71
N VAL A 157 -10.53 -11.47 -1.46
CA VAL A 157 -9.79 -10.19 -1.52
C VAL A 157 -9.27 -9.73 -0.13
N SER A 158 -7.96 -9.80 0.07
CA SER A 158 -7.38 -9.32 1.33
C SER A 158 -7.30 -7.79 1.30
N PHE A 159 -8.21 -7.09 2.00
CA PHE A 159 -8.20 -5.61 2.13
C PHE A 159 -7.21 -5.14 3.19
N CYS A 160 -6.39 -4.16 2.82
CA CYS A 160 -5.33 -3.72 3.71
C CYS A 160 -5.08 -2.24 3.72
N TYR A 161 -5.81 -1.45 2.90
CA TYR A 161 -5.52 0.02 2.85
C TYR A 161 -6.66 0.89 2.39
N MET A 162 -6.81 2.03 3.05
CA MET A 162 -7.75 3.04 2.60
C MET A 162 -7.03 4.34 2.76
N HIS A 163 -7.08 5.18 1.73
CA HIS A 163 -6.29 6.40 1.64
C HIS A 163 -7.01 7.54 2.34
N HIS A 164 -6.29 8.25 3.22
CA HIS A 164 -6.84 9.40 3.96
C HIS A 164 -6.22 10.75 3.60
N MET A 165 -4.89 10.80 3.49
CA MET A 165 -4.20 12.08 3.25
C MET A 165 -2.83 12.00 2.59
N GLU A 166 -2.43 13.11 1.95
CA GLU A 166 -1.10 13.32 1.35
C GLU A 166 -0.23 14.15 2.30
N LEU A 167 1.08 13.89 2.33
CA LEU A 167 1.98 14.58 3.27
C LEU A 167 2.77 15.71 2.65
N PRO A 168 3.43 16.54 3.47
CA PRO A 168 4.23 17.60 2.86
C PRO A 168 5.22 17.09 1.81
N THR A 169 5.74 15.88 1.99
CA THR A 169 6.71 15.30 1.06
C THR A 169 6.10 14.90 -0.29
N GLY A 170 4.77 14.85 -0.39
CA GLY A 170 4.07 14.33 -1.58
C GLY A 170 3.76 12.84 -1.50
N VAL A 171 4.01 12.22 -0.36
CA VAL A 171 3.67 10.83 -0.17
C VAL A 171 2.34 10.77 0.54
N HIS A 172 1.80 9.56 0.69
CA HIS A 172 0.43 9.39 1.13
C HIS A 172 0.35 8.55 2.35
N ALA A 173 -0.72 8.73 3.10
CA ALA A 173 -0.92 8.08 4.39
C ALA A 173 -2.39 7.69 4.51
N GLY A 174 -2.67 6.65 5.26
CA GLY A 174 -3.98 6.01 5.26
C GLY A 174 -3.98 4.96 6.33
N THR A 175 -4.84 3.97 6.17
CA THR A 175 -5.16 3.12 7.31
C THR A 175 -5.62 1.76 6.80
N ASP A 176 -5.48 0.74 7.64
CA ASP A 176 -6.17 -0.53 7.34
C ASP A 176 -7.69 -0.36 7.43
N LEU A 177 -8.43 -1.45 7.27
CA LEU A 177 -9.88 -1.34 7.27
C LEU A 177 -10.49 -1.57 8.63
N GLU A 178 -9.68 -1.49 9.68
CA GLU A 178 -10.21 -1.45 11.03
C GLU A 178 -10.21 -0.01 11.50
N GLY A 179 -9.57 0.86 10.73
CA GLY A 179 -9.46 2.27 11.07
C GLY A 179 -8.13 2.66 11.64
N LYS A 180 -7.33 1.68 12.03
CA LYS A 180 -6.02 1.96 12.63
C LYS A 180 -5.05 2.38 11.55
N PHE A 181 -4.57 3.63 11.63
CA PHE A 181 -3.54 4.14 10.71
C PHE A 181 -2.29 3.34 10.65
N TYR A 182 -1.73 3.28 9.46
CA TYR A 182 -0.38 2.80 9.29
C TYR A 182 0.52 3.98 9.65
N GLY A 183 1.44 3.74 10.58
CA GLY A 183 2.45 4.74 10.97
C GLY A 183 2.00 5.67 12.07
N PRO A 184 2.77 6.72 12.35
CA PRO A 184 2.43 7.54 13.50
C PRO A 184 1.58 8.76 13.10
N PHE A 185 0.48 8.55 12.41
CA PHE A 185 -0.20 9.68 11.81
C PHE A 185 -1.60 9.79 12.38
N VAL A 186 -2.21 10.96 12.23
CA VAL A 186 -3.54 11.25 12.78
C VAL A 186 -4.26 12.21 11.83
N ASP A 187 -5.61 12.14 11.83
CA ASP A 187 -6.53 12.99 11.01
C ASP A 187 -6.42 14.52 11.09
N ARG A 188 -5.63 15.09 12.01
CA ARG A 188 -5.60 16.57 12.21
C ARG A 188 -4.81 17.28 11.09
N GLN A 189 -4.71 18.60 11.14
CA GLN A 189 -3.75 19.28 10.30
C GLN A 189 -2.73 19.88 11.21
N THR A 190 -1.60 19.20 11.32
CA THR A 190 -0.59 19.58 12.24
C THR A 190 0.71 19.47 11.49
N ALA A 191 1.77 20.08 12.03
CA ALA A 191 3.17 19.79 11.64
C ALA A 191 3.39 18.27 11.62
N GLN A 192 3.56 17.71 10.41
CA GLN A 192 3.69 16.26 10.22
C GLN A 192 4.62 15.88 9.07
N ALA A 193 5.64 15.08 9.39
CA ALA A 193 6.64 14.70 8.42
C ALA A 193 6.72 13.18 8.26
N ALA A 194 6.92 12.78 7.01
CA ALA A 194 7.40 11.46 6.67
C ALA A 194 8.80 11.31 7.28
N GLY A 195 8.88 10.54 8.37
CA GLY A 195 10.18 10.17 8.93
C GLY A 195 11.08 9.61 7.84
N THR A 196 12.38 9.87 7.93
CA THR A 196 13.26 9.42 6.87
C THR A 196 13.17 7.90 6.69
N ASP A 197 13.00 7.49 5.43
CA ASP A 197 12.75 6.12 4.99
C ASP A 197 14.02 5.26 4.77
N THR A 198 13.86 3.94 4.61
CA THR A 198 15.01 3.08 4.20
C THR A 198 14.59 2.16 3.03
N THR A 199 15.49 1.31 2.57
CA THR A 199 15.26 0.43 1.41
C THR A 199 14.95 -1.01 1.82
N ILE A 200 14.01 -1.65 1.12
CA ILE A 200 13.53 -2.97 1.52
C ILE A 200 14.50 -4.00 1.00
N THR A 201 15.50 -4.25 1.81
CA THR A 201 16.55 -5.16 1.44
C THR A 201 16.02 -6.53 1.06
N LEU A 202 15.00 -7.04 1.75
CA LEU A 202 14.46 -8.35 1.35
C LEU A 202 14.07 -8.30 -0.10
N ASN A 203 13.54 -7.15 -0.51
CA ASN A 203 13.00 -7.04 -1.83
C ASN A 203 14.00 -6.98 -2.95
N VAL A 204 14.85 -5.96 -2.93
CA VAL A 204 16.00 -5.89 -3.84
C VAL A 204 16.63 -7.29 -4.14
N LEU A 205 16.74 -8.10 -3.10
CA LEU A 205 17.19 -9.45 -3.28
C LEU A 205 16.23 -10.37 -4.07
N ALA A 206 14.92 -10.22 -3.83
CA ALA A 206 13.96 -10.96 -4.61
C ALA A 206 14.14 -10.45 -6.01
N TRP A 207 14.50 -9.17 -6.14
CA TRP A 207 14.53 -8.53 -7.45
C TRP A 207 15.70 -8.97 -8.31
N LEU A 208 16.79 -9.32 -7.64
CA LEU A 208 17.99 -9.79 -8.30
C LEU A 208 17.73 -11.21 -8.76
N TYR A 209 17.11 -12.00 -7.88
CA TYR A 209 16.64 -13.30 -8.30
C TYR A 209 15.73 -13.28 -9.52
N ALA A 210 15.03 -12.17 -9.77
CA ALA A 210 14.33 -12.04 -11.03
C ALA A 210 15.40 -11.99 -12.11
N ALA A 211 16.07 -10.83 -12.22
CA ALA A 211 17.11 -10.64 -13.22
C ALA A 211 17.76 -11.97 -13.64
N VAL A 212 18.23 -12.72 -12.66
CA VAL A 212 18.89 -13.99 -12.93
C VAL A 212 17.98 -14.93 -13.68
N ILE A 213 16.84 -15.24 -13.05
CA ILE A 213 15.89 -16.19 -13.59
C ILE A 213 15.44 -15.81 -15.00
N ASN A 214 15.31 -14.50 -15.24
CA ASN A 214 15.03 -13.97 -16.57
C ASN A 214 16.22 -14.14 -17.49
N GLY A 215 17.42 -14.18 -16.92
CA GLY A 215 18.60 -14.51 -17.71
C GLY A 215 19.75 -13.54 -17.53
N ASP A 216 19.41 -12.29 -17.20
CA ASP A 216 20.40 -11.31 -16.79
C ASP A 216 21.24 -11.94 -15.63
N ARG A 217 22.57 -11.77 -15.69
CA ARG A 217 23.49 -12.39 -14.71
C ARG A 217 24.79 -11.63 -14.33
N TRP A 218 25.01 -10.41 -14.82
CA TRP A 218 26.33 -9.77 -14.65
C TRP A 218 26.75 -9.30 -13.25
N PHE A 219 25.81 -9.25 -12.32
CA PHE A 219 26.02 -8.62 -10.99
C PHE A 219 26.71 -9.53 -9.96
N LEU A 220 26.70 -10.84 -10.25
CA LEU A 220 27.25 -11.86 -9.33
C LEU A 220 28.80 -11.85 -9.23
N ASN A 221 29.32 -12.60 -8.26
CA ASN A 221 30.76 -12.65 -7.96
C ASN A 221 31.09 -13.90 -7.14
N ARG A 222 32.34 -14.35 -7.20
CA ARG A 222 32.74 -15.60 -6.51
C ARG A 222 32.59 -15.57 -4.96
N PHE A 223 32.65 -14.37 -4.38
CA PHE A 223 32.72 -14.20 -2.92
C PHE A 223 31.46 -14.63 -2.19
N THR A 224 31.51 -14.49 -0.88
CA THR A 224 30.37 -14.68 -0.01
C THR A 224 30.65 -13.64 1.08
N THR A 225 29.77 -13.51 2.08
CA THR A 225 30.07 -12.73 3.29
C THR A 225 29.23 -13.29 4.40
N THR A 226 29.68 -13.13 5.64
CA THR A 226 28.79 -13.43 6.74
C THR A 226 27.56 -12.55 6.55
N LEU A 227 26.53 -12.87 7.31
CA LEU A 227 25.38 -12.02 7.44
C LEU A 227 25.80 -10.70 8.11
N ASN A 228 26.45 -10.81 9.26
CA ASN A 228 26.85 -9.62 10.00
C ASN A 228 27.73 -8.69 9.22
N ASP A 229 28.51 -9.23 8.29
CA ASP A 229 29.40 -8.40 7.50
C ASP A 229 28.60 -7.71 6.43
N PHE A 230 27.55 -8.37 5.97
CA PHE A 230 26.69 -7.76 4.98
C PHE A 230 26.01 -6.53 5.57
N ASN A 231 25.34 -6.70 6.71
CA ASN A 231 24.61 -5.60 7.32
C ASN A 231 25.46 -4.37 7.51
N LEU A 232 26.68 -4.53 8.05
CA LEU A 232 27.53 -3.37 8.35
C LEU A 232 27.53 -2.39 7.19
N VAL A 233 27.69 -2.94 6.00
CA VAL A 233 27.62 -2.17 4.75
C VAL A 233 26.18 -1.69 4.46
N ALA A 234 25.22 -2.62 4.39
CA ALA A 234 23.80 -2.28 4.19
C ALA A 234 23.31 -1.09 5.01
N MET A 235 23.75 -0.95 6.27
CA MET A 235 23.42 0.23 7.07
C MET A 235 23.95 1.52 6.46
N LYS A 236 25.25 1.53 6.14
CA LYS A 236 25.87 2.72 5.56
C LYS A 236 25.06 3.26 4.38
N TYR A 237 24.59 2.37 3.52
CA TYR A 237 23.86 2.76 2.32
C TYR A 237 22.37 2.94 2.56
N ASN A 238 21.97 2.95 3.83
CA ASN A 238 20.58 3.16 4.26
C ASN A 238 19.55 2.06 3.92
N TYR A 239 19.98 0.81 4.04
CA TYR A 239 19.13 -0.33 3.76
C TYR A 239 18.73 -0.95 5.08
N GLU A 240 17.59 -1.64 5.10
CA GLU A 240 17.18 -2.38 6.28
C GLU A 240 18.19 -3.49 6.54
N PRO A 241 18.35 -3.89 7.82
CA PRO A 241 19.20 -5.04 8.04
C PRO A 241 18.47 -6.29 7.58
N LEU A 242 19.23 -7.22 7.02
CA LEU A 242 18.73 -8.54 6.65
C LEU A 242 18.88 -9.52 7.83
N THR A 243 17.76 -10.15 8.16
CA THR A 243 17.66 -11.08 9.28
C THR A 243 17.61 -12.47 8.73
N GLN A 244 17.68 -13.45 9.61
CA GLN A 244 17.59 -14.84 9.19
C GLN A 244 16.23 -15.18 8.51
N ASP A 245 15.11 -14.65 9.01
CA ASP A 245 13.79 -14.96 8.44
C ASP A 245 13.74 -14.57 6.98
N HIS A 246 14.27 -13.37 6.70
CA HIS A 246 14.56 -12.91 5.35
C HIS A 246 15.30 -14.04 4.59
N VAL A 247 16.47 -14.42 5.09
CA VAL A 247 17.32 -15.42 4.43
C VAL A 247 16.62 -16.76 4.17
N ASP A 248 15.67 -17.09 5.06
CA ASP A 248 14.88 -18.31 4.91
C ASP A 248 14.03 -18.11 3.66
N ILE A 249 13.25 -17.03 3.66
CA ILE A 249 12.29 -16.69 2.60
C ILE A 249 12.88 -16.86 1.20
N LEU A 250 14.11 -16.37 1.04
CA LEU A 250 14.75 -16.42 -0.25
C LEU A 250 15.11 -17.88 -0.62
N GLY A 251 14.87 -18.79 0.33
CA GLY A 251 15.09 -20.22 0.16
C GLY A 251 14.79 -20.80 -1.22
N PRO A 252 13.48 -20.86 -1.59
CA PRO A 252 13.10 -21.37 -2.91
C PRO A 252 13.69 -20.60 -4.12
N LEU A 253 13.97 -19.30 -3.98
CA LEU A 253 14.62 -18.61 -5.09
C LEU A 253 16.09 -18.98 -5.29
N SER A 254 16.80 -19.25 -4.20
CA SER A 254 18.15 -19.79 -4.35
C SER A 254 18.05 -21.22 -4.89
N ALA A 255 16.98 -21.91 -4.51
CA ALA A 255 16.72 -23.29 -4.93
C ALA A 255 16.26 -23.43 -6.39
N GLN A 256 15.80 -22.34 -6.99
CA GLN A 256 15.35 -22.38 -8.38
C GLN A 256 16.50 -22.03 -9.35
N THR A 257 17.25 -20.99 -8.99
CA THR A 257 18.40 -20.49 -9.77
C THR A 257 19.68 -21.18 -9.34
N GLY A 258 19.63 -21.85 -8.21
CA GLY A 258 20.82 -22.39 -7.57
C GLY A 258 21.83 -21.30 -7.29
N ILE A 259 21.43 -20.26 -6.55
CA ILE A 259 22.40 -19.26 -6.02
C ILE A 259 22.19 -18.95 -4.52
N ALA A 260 23.14 -19.36 -3.69
CA ALA A 260 23.09 -19.13 -2.26
C ALA A 260 22.83 -17.67 -1.98
N VAL A 261 21.90 -17.44 -1.07
CA VAL A 261 21.50 -16.13 -0.61
C VAL A 261 22.73 -15.32 -0.20
N LEU A 262 23.61 -15.95 0.56
CA LEU A 262 24.70 -15.19 1.14
C LEU A 262 25.67 -14.78 0.05
N ASP A 263 25.66 -15.55 -1.04
CA ASP A 263 26.32 -15.16 -2.29
C ASP A 263 25.65 -13.93 -2.88
N MET A 264 24.34 -14.01 -3.12
CA MET A 264 23.57 -12.87 -3.62
C MET A 264 23.92 -11.59 -2.89
N CYS A 265 24.05 -11.73 -1.57
CA CYS A 265 24.36 -10.62 -0.68
C CYS A 265 25.73 -10.07 -0.95
N ALA A 266 26.69 -10.96 -1.18
CA ALA A 266 28.01 -10.56 -1.64
C ALA A 266 27.90 -9.74 -2.91
N ALA A 267 27.10 -10.21 -3.86
CA ALA A 267 26.88 -9.46 -5.08
C ALA A 267 26.30 -8.10 -4.75
N LEU A 268 25.24 -8.06 -3.94
CA LEU A 268 24.61 -6.80 -3.58
C LEU A 268 25.61 -5.91 -2.87
N LYS A 269 26.31 -6.46 -1.87
CA LYS A 269 27.36 -5.72 -1.22
C LYS A 269 28.24 -5.06 -2.28
N GLU A 270 28.62 -5.83 -3.31
CA GLU A 270 29.52 -5.34 -4.37
C GLU A 270 28.85 -4.24 -5.20
N LEU A 271 27.56 -4.45 -5.49
CA LEU A 271 26.71 -3.51 -6.22
C LEU A 271 26.59 -2.15 -5.53
N LEU A 272 26.48 -2.18 -4.20
CA LEU A 272 26.42 -0.96 -3.42
C LEU A 272 27.75 -0.25 -3.52
N GLN A 273 28.82 -1.00 -3.25
CA GLN A 273 30.19 -0.50 -3.32
C GLN A 273 30.53 0.22 -4.64
N ASN A 274 30.08 -0.35 -5.75
CA ASN A 274 30.55 0.03 -7.08
C ASN A 274 29.54 0.73 -7.99
N GLY A 275 28.27 0.74 -7.63
CA GLY A 275 27.25 1.10 -8.59
C GLY A 275 27.30 0.13 -9.75
N MET A 276 26.80 0.55 -10.91
CA MET A 276 26.70 -0.33 -12.09
C MET A 276 27.67 0.05 -13.26
N ASN A 277 28.61 0.97 -12.96
CA ASN A 277 29.27 1.79 -13.98
C ASN A 277 28.31 2.06 -15.15
N GLY A 278 27.08 2.42 -14.79
CA GLY A 278 26.01 2.69 -15.73
C GLY A 278 25.63 1.48 -16.57
N ARG A 279 24.65 0.70 -16.10
CA ARG A 279 24.08 -0.38 -16.90
C ARG A 279 22.82 -0.92 -16.30
N THR A 280 22.07 -1.64 -17.13
CA THR A 280 20.75 -2.13 -16.81
C THR A 280 20.78 -3.42 -15.99
N ILE A 281 19.99 -3.45 -14.91
CA ILE A 281 19.56 -4.71 -14.33
C ILE A 281 18.09 -4.83 -14.60
N LEU A 282 17.69 -5.87 -15.32
CA LEU A 282 16.28 -6.05 -15.69
C LEU A 282 15.54 -4.74 -16.03
N GLY A 283 16.10 -3.93 -16.92
CA GLY A 283 15.49 -2.64 -17.29
C GLY A 283 16.01 -1.43 -16.52
N SER A 284 16.07 -1.53 -15.21
CA SER A 284 16.40 -0.41 -14.33
C SER A 284 17.89 -0.04 -14.29
N THR A 285 18.17 1.16 -13.82
CA THR A 285 19.54 1.61 -13.56
C THR A 285 19.68 1.93 -12.09
N ILE A 286 18.63 1.62 -11.35
CA ILE A 286 18.70 1.69 -9.92
C ILE A 286 18.21 0.37 -9.29
N LEU A 287 18.46 0.18 -7.98
CA LEU A 287 18.12 -1.08 -7.35
C LEU A 287 16.67 -1.00 -6.88
N GLU A 288 15.88 -2.01 -7.26
CA GLU A 288 14.41 -1.96 -7.18
C GLU A 288 13.80 -2.72 -5.97
N ASP A 289 13.44 -1.95 -4.95
CA ASP A 289 12.94 -2.54 -3.71
C ASP A 289 11.44 -2.77 -3.64
N GLU A 290 10.67 -2.53 -4.69
CA GLU A 290 9.22 -2.76 -4.55
C GLU A 290 8.67 -4.13 -5.03
N PHE A 291 9.52 -5.17 -5.08
CA PHE A 291 9.03 -6.54 -5.30
C PHE A 291 9.24 -7.52 -4.16
N THR A 292 8.15 -8.10 -3.65
CA THR A 292 8.22 -9.20 -2.70
C THR A 292 8.93 -10.39 -3.35
N PRO A 293 9.62 -11.21 -2.53
CA PRO A 293 10.03 -12.50 -2.97
C PRO A 293 8.81 -13.21 -3.50
N PHE A 294 7.67 -12.97 -2.86
CA PHE A 294 6.47 -13.66 -3.26
C PHE A 294 5.95 -13.19 -4.63
N ASP A 295 6.11 -11.91 -4.94
CA ASP A 295 5.67 -11.40 -6.24
C ASP A 295 6.60 -11.80 -7.37
N VAL A 296 7.89 -11.95 -7.08
CA VAL A 296 8.83 -12.52 -8.04
C VAL A 296 8.50 -13.99 -8.28
N VAL A 297 7.80 -14.61 -7.36
CA VAL A 297 7.32 -15.99 -7.61
C VAL A 297 6.04 -16.07 -8.43
N ARG A 298 4.95 -15.40 -8.00
CA ARG A 298 3.73 -15.34 -8.82
C ARG A 298 4.12 -15.10 -10.28
N GLN A 299 4.94 -14.06 -10.48
CA GLN A 299 5.19 -13.52 -11.80
C GLN A 299 6.29 -14.22 -12.60
N CYS A 300 7.35 -14.66 -11.92
CA CYS A 300 8.39 -15.51 -12.55
C CYS A 300 8.18 -16.97 -12.17
N SER A 301 7.86 -17.79 -13.18
CA SER A 301 7.30 -19.15 -12.98
C SER A 301 5.92 -19.11 -12.27
N ASN B 2 1.86 22.46 4.79
CA ASN B 2 1.70 21.36 5.75
C ASN B 2 0.44 20.49 5.55
N SER B 3 0.63 19.16 5.55
CA SER B 3 -0.40 18.12 5.29
C SER B 3 -1.36 18.41 4.10
N PHE B 4 -2.35 17.53 3.86
CA PHE B 4 -3.39 17.65 2.78
C PHE B 4 -4.52 16.59 2.94
N SER B 5 -5.53 16.89 3.76
CA SER B 5 -6.62 15.93 4.01
C SER B 5 -7.59 15.80 2.81
#